data_9GBO
#
_entry.id   9GBO
#
_cell.length_a   56.781
_cell.length_b   84.915
_cell.length_c   135.065
_cell.angle_alpha   90
_cell.angle_beta   90
_cell.angle_gamma   90
#
_symmetry.space_group_name_H-M   'P 21 21 21'
#
loop_
_entity.id
_entity.type
_entity.pdbx_description
1 polymer 'Angiotensin-converting enzyme'
2 branched 2-acetamido-2-deoxy-beta-D-glucopyranose-(1-2)-alpha-D-mannopyranose-(1-3)-[2-acetamido-2-deoxy-beta-D-glucopyranose-(1-2)-alpha-D-mannopyranose-(1-6)]beta-D-mannopyranose-(1-4)-2-acetamido-2-deoxy-beta-D-glucopyranose-(1-4)-[alpha-L-fucopyranose-(1-6)]2-acetamido-2-deoxy-beta-D-glucopyranose
3 non-polymer 'ZINC ION'
4 non-polymer 2-acetamido-2-deoxy-beta-D-glucopyranose
5 non-polymer 'CHLORIDE ION'
6 non-polymer '(2~{S})-1-[(2~{S})-2-[[(1~{S})-1-[(2~{S})-1-[(2~{S})-2-azanyl-4-oxidanyl-4-oxidanylidene-butanoyl]pyrrolidin-2-yl]-2-oxidanyl-2-oxidanylidene-ethyl]amino]propanoyl]pyrrolidine-2-carboxylic acid'
7 water water
#
_entity_poly.entity_id   1
_entity_poly.type   'polypeptide(L)'
_entity_poly.pdbx_seq_one_letter_code
;LVTDEAEASKFVEEYDRTSQVVWNEYAGANWNYNTNITTETSKILLQKNMQIAQHTLKYGTQARKFDVNQLQNTTIKRII
KKVQDLERAALPAQELEEYNKILLDMETTYSVATVCHPQGSCLQLEPDLTNVMATSRKYEDLLWAWEGWRDKAGRAILQF
YPKYVELINQAARLNGYVDAGDSWRSMYETPSLEQDLERLFQELQPLYLNLHAYVRRALHRHYGAQHINLEGPIPAHLLG
NMWAQTWSNIYDLVVPFPSAPSMDTTEAMLKQGWTPRRMFKEADDFFTSLGLLPVPPEFWQKSMLEKPTDGREVVCHASA
WDFYNGKDFRIKQCTTVNLEDLVVAHHEMGHIQYFMQYKDLPVALREGANPGFHEAIGDVLALSVSTPKHLHSLNLLSSE
GGSDEHDINFLMKMALDKIAFIPFSYLVDQWRWRVFDGSITKENYNQEWWSLRLKYQGLCPPVPRTQGDFDPGAKFHIPS
SVPYIRYFVSFIIQFQFHEALCQAAGHTGPLHKCDIYQSKEAGQRLATAMKLGFSRPWPEAMQLITGQPQMSASAMLSYF
KPLLDWLRTENELHGEKLGWPQYNWTPNSARSEGPLP
;
_entity_poly.pdbx_strand_id   A
#
# COMPACT_ATOMS: atom_id res chain seq x y z
N ASP A 4 -18.30 -34.39 14.82
CA ASP A 4 -17.66 -35.36 13.89
C ASP A 4 -16.67 -34.66 12.96
N GLU A 5 -15.48 -35.29 12.80
CA GLU A 5 -14.42 -34.91 11.88
C GLU A 5 -14.94 -35.02 10.45
N ALA A 6 -15.66 -36.11 10.14
CA ALA A 6 -16.21 -36.25 8.80
C ALA A 6 -17.23 -35.16 8.45
N GLU A 7 -18.03 -34.67 9.41
CA GLU A 7 -19.04 -33.69 9.05
C GLU A 7 -18.41 -32.33 8.76
N ALA A 8 -17.31 -32.05 9.47
CA ALA A 8 -16.64 -30.77 9.30
C ALA A 8 -15.85 -30.78 8.00
N SER A 9 -15.26 -31.91 7.66
CA SER A 9 -14.53 -32.13 6.41
C SER A 9 -15.45 -31.91 5.18
N LYS A 10 -16.60 -32.61 5.16
CA LYS A 10 -17.65 -32.43 4.16
C LYS A 10 -18.08 -30.96 4.02
N PHE A 11 -18.35 -30.30 5.16
CA PHE A 11 -18.76 -28.91 5.13
C PHE A 11 -17.65 -28.08 4.48
N VAL A 12 -16.38 -28.36 4.76
CA VAL A 12 -15.41 -27.42 4.26
C VAL A 12 -15.23 -27.63 2.75
N GLU A 13 -15.42 -28.85 2.29
CA GLU A 13 -15.49 -29.20 0.86
C GLU A 13 -16.62 -28.47 0.12
N GLU A 14 -17.85 -28.44 0.69
CA GLU A 14 -18.96 -27.70 0.11
C GLU A 14 -18.74 -26.18 0.10
N TYR A 15 -18.18 -25.68 1.22
CA TYR A 15 -17.88 -24.27 1.28
C TYR A 15 -16.94 -23.98 0.13
N ASP A 16 -15.98 -24.85 -0.11
CA ASP A 16 -14.91 -24.52 -1.04
C ASP A 16 -15.46 -24.45 -2.49
N ARG A 17 -16.31 -25.44 -2.86
CA ARG A 17 -16.93 -25.55 -4.19
C ARG A 17 -17.80 -24.34 -4.45
N THR A 18 -18.73 -24.10 -3.52
CA THR A 18 -19.74 -23.05 -3.67
C THR A 18 -19.09 -21.65 -3.67
N SER A 19 -18.18 -21.36 -2.74
CA SER A 19 -17.43 -20.12 -2.75
C SER A 19 -16.79 -19.83 -4.08
N GLN A 20 -16.10 -20.82 -4.65
CA GLN A 20 -15.45 -20.53 -5.91
C GLN A 20 -16.41 -19.85 -6.91
N VAL A 21 -17.58 -20.44 -7.15
CA VAL A 21 -18.58 -20.01 -8.12
C VAL A 21 -19.06 -18.59 -7.78
N VAL A 22 -19.47 -18.35 -6.51
CA VAL A 22 -20.11 -17.11 -6.11
C VAL A 22 -19.10 -15.97 -6.11
N TRP A 23 -17.87 -16.24 -5.65
CA TRP A 23 -16.79 -15.24 -5.65
C TRP A 23 -16.31 -14.95 -7.07
N ASN A 24 -16.28 -15.96 -7.92
CA ASN A 24 -15.92 -15.71 -9.32
C ASN A 24 -16.94 -14.74 -9.93
N GLU A 25 -18.22 -15.02 -9.66
CA GLU A 25 -19.32 -14.23 -10.21
C GLU A 25 -19.19 -12.79 -9.76
N TYR A 26 -18.85 -12.62 -8.48
CA TYR A 26 -18.89 -11.30 -7.88
C TYR A 26 -17.62 -10.54 -8.29
N ALA A 27 -16.50 -11.25 -8.40
CA ALA A 27 -15.30 -10.60 -8.93
C ALA A 27 -15.58 -10.08 -10.36
N GLY A 28 -16.19 -10.94 -11.19
CA GLY A 28 -16.58 -10.58 -12.53
C GLY A 28 -17.36 -9.25 -12.52
N ALA A 29 -18.39 -9.17 -11.67
CA ALA A 29 -19.34 -8.08 -11.71
C ALA A 29 -18.60 -6.81 -11.34
N ASN A 30 -17.83 -6.92 -10.26
CA ASN A 30 -16.98 -5.86 -9.74
C ASN A 30 -15.93 -5.41 -10.76
N TRP A 31 -15.41 -6.33 -11.58
CA TRP A 31 -14.43 -6.00 -12.61
C TRP A 31 -15.07 -5.14 -13.71
N ASN A 32 -16.19 -5.64 -14.24
CA ASN A 32 -16.98 -4.97 -15.28
C ASN A 32 -17.46 -3.62 -14.82
N TYR A 33 -17.65 -3.45 -13.50
CA TYR A 33 -18.06 -2.13 -13.05
C TYR A 33 -16.87 -1.18 -13.10
N ASN A 34 -15.70 -1.74 -12.75
CA ASN A 34 -14.47 -1.00 -12.48
C ASN A 34 -13.80 -0.53 -13.78
N THR A 35 -14.15 -1.16 -14.90
CA THR A 35 -13.51 -0.97 -16.17
C THR A 35 -14.59 -0.64 -17.19
N ASN A 36 -15.59 0.14 -16.73
CA ASN A 36 -16.80 0.45 -17.47
C ASN A 36 -17.87 0.82 -16.46
N ILE A 37 -17.65 1.87 -15.66
CA ILE A 37 -18.68 2.44 -14.81
C ILE A 37 -19.84 2.87 -15.72
N THR A 38 -21.02 2.25 -15.54
CA THR A 38 -22.29 2.57 -16.19
C THR A 38 -23.43 2.40 -15.17
N THR A 39 -24.69 2.57 -15.62
CA THR A 39 -25.89 2.19 -14.87
C THR A 39 -25.98 0.66 -14.74
N GLU A 40 -25.98 0.00 -15.90
CA GLU A 40 -26.08 -1.44 -16.11
C GLU A 40 -25.03 -2.22 -15.31
N THR A 41 -23.75 -1.87 -15.46
CA THR A 41 -22.69 -2.51 -14.69
C THR A 41 -22.89 -2.28 -13.18
N SER A 42 -23.29 -1.06 -12.81
CA SER A 42 -23.54 -0.75 -11.41
C SER A 42 -24.72 -1.58 -10.84
N LYS A 43 -25.82 -1.74 -11.61
CA LYS A 43 -26.98 -2.51 -11.14
C LYS A 43 -26.53 -3.93 -10.82
N ILE A 44 -25.95 -4.63 -11.82
CA ILE A 44 -25.51 -6.01 -11.72
C ILE A 44 -24.56 -6.19 -10.53
N LEU A 45 -23.76 -5.16 -10.19
CA LEU A 45 -22.83 -5.21 -9.07
C LEU A 45 -23.62 -5.37 -7.77
N LEU A 46 -24.64 -4.53 -7.50
CA LEU A 46 -25.19 -4.57 -6.14
C LEU A 46 -26.09 -5.80 -6.01
N GLN A 47 -26.68 -6.24 -7.10
CA GLN A 47 -27.32 -7.54 -7.15
C GLN A 47 -26.33 -8.65 -6.77
N LYS A 48 -25.10 -8.60 -7.30
CA LYS A 48 -24.09 -9.60 -6.94
C LYS A 48 -23.64 -9.41 -5.48
N ASN A 49 -23.84 -8.22 -4.93
CA ASN A 49 -23.38 -7.92 -3.59
C ASN A 49 -24.21 -8.75 -2.62
N MET A 50 -25.53 -8.82 -2.89
CA MET A 50 -26.52 -9.50 -2.07
C MET A 50 -26.34 -11.02 -2.18
N GLN A 51 -26.03 -11.50 -3.39
CA GLN A 51 -25.76 -12.91 -3.63
C GLN A 51 -24.59 -13.42 -2.78
N ILE A 52 -23.49 -12.64 -2.69
CA ILE A 52 -22.35 -13.14 -1.96
C ILE A 52 -22.60 -13.00 -0.45
N ALA A 53 -23.32 -11.94 -0.08
CA ALA A 53 -23.72 -11.77 1.32
C ALA A 53 -24.59 -12.94 1.76
N GLN A 54 -25.55 -13.34 0.93
CA GLN A 54 -26.36 -14.50 1.29
C GLN A 54 -25.55 -15.79 1.41
N HIS A 55 -24.52 -15.97 0.57
CA HIS A 55 -23.71 -17.17 0.69
C HIS A 55 -22.85 -17.12 1.96
N THR A 56 -22.27 -15.96 2.22
CA THR A 56 -21.49 -15.72 3.44
C THR A 56 -22.35 -16.06 4.65
N LEU A 57 -23.59 -15.57 4.71
CA LEU A 57 -24.52 -15.84 5.80
C LEU A 57 -24.82 -17.33 5.91
N LYS A 58 -25.15 -17.98 4.79
CA LYS A 58 -25.53 -19.38 4.86
C LYS A 58 -24.36 -20.18 5.44
N TYR A 59 -23.16 -20.01 4.86
CA TYR A 59 -21.98 -20.80 5.20
C TYR A 59 -21.49 -20.41 6.59
N GLY A 60 -21.55 -19.11 6.88
CA GLY A 60 -21.08 -18.56 8.14
C GLY A 60 -21.84 -19.09 9.35
N THR A 61 -23.18 -19.15 9.24
CA THR A 61 -24.12 -19.71 10.20
C THR A 61 -23.82 -21.19 10.46
N GLN A 62 -23.68 -22.01 9.40
CA GLN A 62 -23.36 -23.42 9.64
C GLN A 62 -22.03 -23.54 10.34
N ALA A 63 -21.04 -22.76 9.97
CA ALA A 63 -19.70 -22.88 10.57
C ALA A 63 -19.69 -22.60 12.08
N ARG A 64 -20.46 -21.59 12.54
CA ARG A 64 -20.74 -21.27 13.94
C ARG A 64 -21.37 -22.41 14.75
N LYS A 65 -22.01 -23.41 14.10
CA LYS A 65 -22.51 -24.60 14.79
C LYS A 65 -21.42 -25.62 15.07
N PHE A 66 -20.23 -25.47 14.51
CA PHE A 66 -19.14 -26.32 14.93
C PHE A 66 -18.52 -25.76 16.19
N ASP A 67 -18.43 -26.62 17.21
CA ASP A 67 -17.44 -26.52 18.28
C ASP A 67 -16.05 -26.73 17.69
N VAL A 68 -15.32 -25.64 17.52
CA VAL A 68 -13.97 -25.74 16.98
C VAL A 68 -13.00 -26.25 18.05
N ASN A 69 -13.38 -26.09 19.34
CA ASN A 69 -12.66 -26.71 20.44
C ASN A 69 -12.48 -28.18 20.10
N GLN A 70 -13.59 -28.85 19.78
CA GLN A 70 -13.68 -30.27 19.48
C GLN A 70 -13.00 -30.74 18.17
N LEU A 71 -12.57 -29.82 17.28
CA LEU A 71 -12.06 -30.22 15.97
C LEU A 71 -10.58 -30.56 16.09
N GLN A 72 -10.23 -31.72 15.55
CA GLN A 72 -8.90 -32.32 15.61
C GLN A 72 -7.99 -31.67 14.58
N ASN A 73 -8.03 -32.20 13.35
CA ASN A 73 -7.42 -31.68 12.14
C ASN A 73 -7.29 -30.15 12.20
N THR A 74 -6.08 -29.66 11.92
CA THR A 74 -5.85 -28.24 12.15
C THR A 74 -6.19 -27.40 10.91
N THR A 75 -5.88 -27.88 9.71
CA THR A 75 -6.31 -27.21 8.49
C THR A 75 -7.83 -26.91 8.55
N ILE A 76 -8.63 -27.90 8.99
CA ILE A 76 -10.08 -27.80 8.98
C ILE A 76 -10.56 -26.86 10.08
N LYS A 77 -9.94 -26.97 11.26
CA LYS A 77 -10.24 -26.06 12.37
C LYS A 77 -10.05 -24.62 11.90
N ARG A 78 -8.96 -24.39 11.18
CA ARG A 78 -8.56 -23.05 10.76
C ARG A 78 -9.53 -22.49 9.70
N ILE A 79 -9.87 -23.35 8.73
CA ILE A 79 -10.81 -23.00 7.68
C ILE A 79 -12.15 -22.64 8.29
N ILE A 80 -12.63 -23.45 9.23
CA ILE A 80 -13.96 -23.25 9.79
C ILE A 80 -13.97 -22.00 10.67
N LYS A 81 -12.83 -21.67 11.30
CA LYS A 81 -12.81 -20.46 12.12
C LYS A 81 -12.87 -19.21 11.25
N LYS A 82 -12.18 -19.21 10.11
CA LYS A 82 -12.39 -18.14 9.15
C LYS A 82 -13.84 -18.03 8.65
N VAL A 83 -14.49 -19.14 8.26
CA VAL A 83 -15.86 -19.05 7.76
C VAL A 83 -16.84 -18.45 8.78
N GLN A 84 -16.53 -18.56 10.07
CA GLN A 84 -17.46 -18.08 11.08
C GLN A 84 -17.47 -16.55 11.18
N ASP A 85 -16.53 -15.90 10.52
CA ASP A 85 -16.56 -14.45 10.41
C ASP A 85 -17.41 -14.05 9.19
N LEU A 86 -18.52 -13.34 9.41
CA LEU A 86 -19.47 -13.03 8.33
C LEU A 86 -19.05 -11.71 7.66
N GLU A 87 -18.06 -11.01 8.24
CA GLU A 87 -17.82 -9.61 7.95
C GLU A 87 -19.17 -8.87 7.87
N ARG A 88 -19.43 -8.10 6.78
CA ARG A 88 -20.55 -7.16 6.76
C ARG A 88 -21.83 -7.97 6.65
N ALA A 89 -21.71 -9.26 6.30
CA ALA A 89 -22.91 -10.10 6.15
C ALA A 89 -23.56 -10.40 7.52
N ALA A 90 -22.94 -9.95 8.62
CA ALA A 90 -23.50 -10.14 9.95
C ALA A 90 -24.60 -9.10 10.13
N LEU A 91 -24.56 -8.00 9.36
CA LEU A 91 -25.44 -6.88 9.68
C LEU A 91 -26.88 -7.26 9.37
N PRO A 92 -27.90 -6.71 10.06
CA PRO A 92 -29.29 -6.83 9.58
C PRO A 92 -29.52 -6.27 8.16
N ALA A 93 -30.52 -6.80 7.44
CA ALA A 93 -30.85 -6.46 6.04
C ALA A 93 -30.62 -4.96 5.74
N GLN A 94 -31.27 -4.11 6.55
CA GLN A 94 -31.26 -2.67 6.34
C GLN A 94 -29.86 -2.05 6.45
N GLU A 95 -29.18 -2.28 7.60
CA GLU A 95 -27.80 -1.85 7.85
C GLU A 95 -26.89 -2.36 6.74
N LEU A 96 -27.17 -3.55 6.19
CA LEU A 96 -26.22 -4.08 5.22
C LEU A 96 -26.34 -3.29 3.91
N GLU A 97 -27.60 -3.13 3.45
CA GLU A 97 -27.87 -2.33 2.27
C GLU A 97 -27.25 -0.92 2.43
N GLU A 98 -27.48 -0.30 3.59
CA GLU A 98 -26.98 1.01 3.91
C GLU A 98 -25.43 1.08 3.92
N TYR A 99 -24.77 0.06 4.49
CA TYR A 99 -23.32 0.12 4.53
C TYR A 99 -22.75 -0.05 3.11
N ASN A 100 -23.34 -0.94 2.32
CA ASN A 100 -22.91 -1.18 0.95
C ASN A 100 -22.97 0.12 0.13
N LYS A 101 -24.02 0.90 0.37
CA LYS A 101 -24.32 2.15 -0.33
C LYS A 101 -23.34 3.23 0.13
N ILE A 102 -23.06 3.25 1.44
CA ILE A 102 -22.07 4.15 2.01
C ILE A 102 -20.70 3.91 1.41
N LEU A 103 -20.26 2.66 1.37
CA LEU A 103 -18.93 2.43 0.83
C LEU A 103 -18.89 2.84 -0.65
N LEU A 104 -19.99 2.60 -1.38
CA LEU A 104 -19.97 2.90 -2.80
C LEU A 104 -19.97 4.43 -2.94
N ASP A 105 -20.71 5.11 -2.07
CA ASP A 105 -20.79 6.54 -2.22
C ASP A 105 -19.43 7.19 -1.87
N MET A 106 -18.68 6.58 -0.95
CA MET A 106 -17.42 7.20 -0.56
C MET A 106 -16.43 7.05 -1.71
N GLU A 107 -16.39 5.89 -2.33
CA GLU A 107 -15.40 5.64 -3.37
C GLU A 107 -15.64 6.54 -4.57
N THR A 108 -16.93 6.69 -4.95
CA THR A 108 -17.36 7.47 -6.09
C THR A 108 -17.03 8.95 -5.84
N THR A 109 -17.39 9.47 -4.66
CA THR A 109 -17.03 10.83 -4.32
C THR A 109 -15.53 11.06 -4.54
N TYR A 110 -14.71 10.12 -4.06
CA TYR A 110 -13.28 10.31 -4.11
C TYR A 110 -12.87 10.31 -5.58
N SER A 111 -13.46 9.41 -6.36
N SER A 111 -13.50 9.40 -6.34
CA SER A 111 -12.82 9.15 -7.63
CA SER A 111 -13.00 8.98 -7.63
C SER A 111 -13.24 10.20 -8.64
C SER A 111 -13.39 9.98 -8.71
N VAL A 112 -14.39 10.83 -8.43
CA VAL A 112 -14.87 11.88 -9.33
C VAL A 112 -14.50 13.31 -8.86
N ALA A 113 -13.87 13.51 -7.69
CA ALA A 113 -13.56 14.84 -7.16
C ALA A 113 -12.63 15.57 -8.13
N THR A 114 -12.94 16.85 -8.37
CA THR A 114 -12.06 17.68 -9.20
C THR A 114 -11.84 19.02 -8.49
N VAL A 115 -10.69 19.66 -8.80
CA VAL A 115 -10.35 21.03 -8.38
C VAL A 115 -10.28 21.99 -9.57
N CYS A 116 -10.96 23.14 -9.48
CA CYS A 116 -11.16 24.01 -10.64
C CYS A 116 -10.62 25.41 -10.41
N HIS A 117 -9.98 25.95 -11.45
CA HIS A 117 -9.81 27.40 -11.56
C HIS A 117 -11.13 28.07 -11.96
N PRO A 118 -11.40 29.28 -11.43
CA PRO A 118 -12.64 29.97 -11.71
C PRO A 118 -12.48 30.41 -13.16
N GLN A 119 -13.53 30.21 -13.95
CA GLN A 119 -13.45 30.27 -15.40
C GLN A 119 -12.09 29.71 -15.86
N GLY A 120 -11.84 28.42 -15.56
CA GLY A 120 -10.63 27.69 -15.92
C GLY A 120 -10.89 26.18 -16.05
N SER A 121 -9.79 25.42 -16.10
CA SER A 121 -9.78 23.97 -16.19
C SER A 121 -10.21 23.34 -14.88
N CYS A 122 -10.75 22.12 -14.96
CA CYS A 122 -10.95 21.29 -13.79
C CYS A 122 -9.94 20.17 -13.83
N LEU A 123 -9.29 19.93 -12.68
CA LEU A 123 -8.18 19.03 -12.63
C LEU A 123 -8.64 17.82 -11.84
N GLN A 124 -8.34 16.66 -12.37
CA GLN A 124 -8.54 15.47 -11.59
C GLN A 124 -7.26 15.17 -10.84
N LEU A 125 -7.35 14.19 -9.93
CA LEU A 125 -6.25 13.78 -9.08
C LEU A 125 -5.16 13.13 -9.95
N GLU A 126 -5.52 12.23 -10.85
CA GLU A 126 -4.54 11.56 -11.71
C GLU A 126 -4.90 11.85 -13.17
N PRO A 127 -3.97 12.41 -13.99
CA PRO A 127 -2.62 12.71 -13.54
C PRO A 127 -2.47 14.15 -13.07
N ASP A 128 -3.52 14.99 -13.21
CA ASP A 128 -3.31 16.43 -13.28
C ASP A 128 -2.77 17.01 -11.97
N LEU A 129 -3.44 16.74 -10.82
CA LEU A 129 -3.03 17.29 -9.52
C LEU A 129 -1.73 16.67 -9.04
N THR A 130 -1.56 15.35 -9.22
CA THR A 130 -0.32 14.67 -8.83
C THR A 130 0.87 15.21 -9.62
N ASN A 131 0.70 15.45 -10.92
CA ASN A 131 1.70 16.19 -11.69
C ASN A 131 1.97 17.57 -11.12
N VAL A 132 0.94 18.32 -10.70
CA VAL A 132 1.23 19.60 -10.07
C VAL A 132 2.16 19.43 -8.86
N MET A 133 1.77 18.57 -7.95
CA MET A 133 2.45 18.28 -6.69
C MET A 133 3.88 17.79 -6.92
N ALA A 134 4.09 16.99 -8.01
CA ALA A 134 5.40 16.47 -8.42
C ALA A 134 6.35 17.51 -9.02
N THR A 135 5.81 18.48 -9.77
CA THR A 135 6.75 19.21 -10.59
C THR A 135 6.71 20.71 -10.24
N SER A 136 5.63 21.25 -9.65
CA SER A 136 5.65 22.67 -9.29
C SER A 136 6.70 22.90 -8.18
N ARG A 137 7.42 24.04 -8.30
CA ARG A 137 8.30 24.60 -7.28
C ARG A 137 7.79 25.99 -6.87
N LYS A 138 6.51 26.28 -7.11
CA LYS A 138 5.88 27.51 -6.63
C LYS A 138 4.99 27.22 -5.41
N TYR A 139 5.33 27.85 -4.27
CA TYR A 139 4.66 27.69 -2.98
C TYR A 139 3.15 27.83 -3.15
N GLU A 140 2.74 28.91 -3.84
CA GLU A 140 1.32 29.22 -3.96
C GLU A 140 0.64 28.20 -4.87
N ASP A 141 1.33 27.67 -5.91
CA ASP A 141 0.70 26.73 -6.87
C ASP A 141 0.54 25.35 -6.21
N LEU A 142 1.53 24.97 -5.39
CA LEU A 142 1.43 23.76 -4.62
C LEU A 142 0.32 23.89 -3.58
N LEU A 143 0.20 25.07 -3.00
CA LEU A 143 -0.83 25.18 -1.98
C LEU A 143 -2.24 25.11 -2.58
N TRP A 144 -2.45 25.76 -3.72
CA TRP A 144 -3.74 25.71 -4.40
C TRP A 144 -4.15 24.23 -4.60
N ALA A 145 -3.20 23.39 -4.97
CA ALA A 145 -3.50 22.01 -5.34
C ALA A 145 -3.75 21.20 -4.07
N TRP A 146 -2.87 21.45 -3.08
CA TRP A 146 -2.93 20.76 -1.79
C TRP A 146 -4.26 21.08 -1.08
N GLU A 147 -4.59 22.39 -0.98
CA GLU A 147 -5.76 22.94 -0.32
C GLU A 147 -7.04 22.53 -1.09
N GLY A 148 -6.96 22.68 -2.41
CA GLY A 148 -8.12 22.41 -3.26
C GLY A 148 -8.53 20.94 -3.18
N TRP A 149 -7.56 20.03 -3.16
CA TRP A 149 -7.87 18.61 -3.09
C TRP A 149 -8.59 18.21 -1.78
N ARG A 150 -8.08 18.77 -0.69
CA ARG A 150 -8.73 18.69 0.62
C ARG A 150 -10.12 19.31 0.59
N ASP A 151 -10.30 20.51 -0.02
CA ASP A 151 -11.59 21.19 0.00
C ASP A 151 -12.62 20.31 -0.73
N LYS A 152 -12.20 19.59 -1.77
CA LYS A 152 -13.18 19.00 -2.65
C LYS A 152 -13.37 17.54 -2.28
N ALA A 153 -12.25 16.81 -2.08
CA ALA A 153 -12.40 15.40 -1.79
C ALA A 153 -12.61 15.19 -0.29
N GLY A 154 -11.68 15.72 0.52
CA GLY A 154 -11.75 15.41 1.94
C GLY A 154 -13.06 15.93 2.53
N ARG A 155 -13.46 17.17 2.30
CA ARG A 155 -14.69 17.57 2.98
C ARG A 155 -15.91 16.75 2.54
N ALA A 156 -15.89 16.33 1.29
CA ALA A 156 -17.13 15.72 0.77
C ALA A 156 -17.29 14.27 1.28
N ILE A 157 -16.22 13.69 1.87
CA ILE A 157 -16.26 12.40 2.55
C ILE A 157 -16.92 12.51 3.93
N LEU A 158 -16.67 13.64 4.64
CA LEU A 158 -17.13 13.87 6.00
C LEU A 158 -18.59 13.45 6.23
N GLN A 159 -19.52 13.78 5.29
CA GLN A 159 -20.94 13.47 5.49
C GLN A 159 -21.15 11.96 5.78
N PHE A 160 -20.31 11.08 5.19
CA PHE A 160 -20.44 9.62 5.25
C PHE A 160 -19.71 9.00 6.44
N TYR A 161 -18.58 9.58 6.91
CA TYR A 161 -17.64 8.84 7.71
C TYR A 161 -18.31 8.38 9.01
N PRO A 162 -18.97 9.24 9.81
CA PRO A 162 -19.50 8.78 11.08
C PRO A 162 -20.40 7.55 10.91
N LYS A 163 -21.25 7.55 9.88
CA LYS A 163 -22.15 6.41 9.69
C LYS A 163 -21.39 5.16 9.23
N TYR A 164 -20.34 5.29 8.41
CA TYR A 164 -19.49 4.17 8.07
C TYR A 164 -18.85 3.60 9.32
N VAL A 165 -18.21 4.43 10.16
CA VAL A 165 -17.65 3.93 11.41
C VAL A 165 -18.67 3.11 12.18
N GLU A 166 -19.90 3.64 12.29
CA GLU A 166 -20.88 2.98 13.08
C GLU A 166 -21.22 1.58 12.52
N LEU A 167 -21.42 1.49 11.19
CA LEU A 167 -21.79 0.23 10.56
C LEU A 167 -20.63 -0.78 10.56
N ILE A 168 -19.40 -0.32 10.33
CA ILE A 168 -18.30 -1.27 10.28
C ILE A 168 -17.95 -1.82 11.67
N ASN A 169 -17.97 -0.96 12.69
CA ASN A 169 -17.89 -1.39 14.10
C ASN A 169 -19.02 -2.36 14.43
N GLN A 170 -20.24 -2.04 13.96
CA GLN A 170 -21.37 -2.91 14.24
C GLN A 170 -21.13 -4.31 13.65
N ALA A 171 -20.65 -4.39 12.40
CA ALA A 171 -20.39 -5.73 11.83
C ALA A 171 -19.28 -6.43 12.63
N ALA A 172 -18.25 -5.65 13.05
CA ALA A 172 -17.17 -6.27 13.78
C ALA A 172 -17.65 -6.84 15.13
N ARG A 173 -18.48 -6.10 15.90
CA ARG A 173 -18.98 -6.63 17.17
C ARG A 173 -19.86 -7.87 16.93
N LEU A 174 -20.72 -7.81 15.90
CA LEU A 174 -21.47 -8.99 15.51
C LEU A 174 -20.58 -10.16 15.15
N ASN A 175 -19.30 -9.98 14.78
CA ASN A 175 -18.47 -11.15 14.51
C ASN A 175 -17.55 -11.49 15.71
N GLY A 176 -17.82 -10.88 16.90
CA GLY A 176 -17.14 -11.24 18.14
C GLY A 176 -15.95 -10.32 18.47
N TYR A 177 -15.65 -9.29 17.66
CA TYR A 177 -14.57 -8.35 17.92
C TYR A 177 -15.05 -7.18 18.78
N VAL A 178 -14.16 -6.31 19.29
CA VAL A 178 -14.66 -5.17 20.08
C VAL A 178 -15.03 -3.99 19.16
N ASP A 179 -14.32 -3.85 18.04
CA ASP A 179 -14.55 -2.81 17.06
C ASP A 179 -13.79 -3.21 15.77
N ALA A 180 -13.97 -2.44 14.71
CA ALA A 180 -13.48 -2.79 13.40
C ALA A 180 -11.95 -2.81 13.40
N GLY A 181 -11.35 -1.96 14.23
CA GLY A 181 -9.89 -1.95 14.31
C GLY A 181 -9.33 -3.25 14.86
N ASP A 182 -9.96 -3.78 15.89
CA ASP A 182 -9.62 -5.05 16.49
C ASP A 182 -9.78 -6.15 15.43
N SER A 183 -10.91 -6.13 14.68
N SER A 183 -10.88 -6.12 14.65
CA SER A 183 -11.05 -7.05 13.55
CA SER A 183 -11.00 -7.09 13.57
C SER A 183 -9.90 -6.92 12.55
C SER A 183 -9.88 -6.93 12.53
N TRP A 184 -9.47 -5.70 12.20
CA TRP A 184 -8.35 -5.53 11.24
C TRP A 184 -7.01 -6.10 11.79
N ARG A 185 -6.63 -5.74 13.02
CA ARG A 185 -5.41 -6.20 13.70
C ARG A 185 -5.42 -7.74 13.75
N SER A 186 -6.62 -8.36 13.75
CA SER A 186 -6.68 -9.81 14.04
C SER A 186 -6.12 -10.57 12.84
N MET A 187 -6.02 -9.89 11.70
CA MET A 187 -5.53 -10.52 10.49
C MET A 187 -4.07 -10.95 10.61
N TYR A 188 -3.29 -10.29 11.47
CA TYR A 188 -1.91 -10.64 11.79
C TYR A 188 -1.75 -11.82 12.77
N GLU A 189 -2.82 -12.17 13.50
CA GLU A 189 -2.78 -13.24 14.53
C GLU A 189 -1.58 -13.07 15.48
N THR A 190 -1.29 -11.85 15.90
CA THR A 190 -0.06 -11.54 16.65
C THR A 190 -0.52 -10.64 17.79
N PRO A 191 -0.81 -11.25 18.96
CA PRO A 191 -1.33 -10.46 20.08
C PRO A 191 -0.45 -9.26 20.50
N SER A 192 0.88 -9.34 20.29
CA SER A 192 1.84 -8.26 20.61
C SER A 192 2.02 -7.28 19.43
N LEU A 193 1.17 -7.34 18.38
CA LEU A 193 1.30 -6.45 17.24
C LEU A 193 1.60 -4.98 17.58
N GLU A 194 0.75 -4.31 18.41
CA GLU A 194 0.91 -2.86 18.49
C GLU A 194 2.28 -2.55 19.07
N GLN A 195 2.74 -3.31 20.06
CA GLN A 195 4.06 -3.08 20.67
C GLN A 195 5.18 -3.42 19.66
N ASP A 196 5.02 -4.48 18.86
CA ASP A 196 6.02 -4.88 17.88
C ASP A 196 6.18 -3.79 16.81
N LEU A 197 5.05 -3.22 16.35
CA LEU A 197 5.18 -2.21 15.32
C LEU A 197 5.82 -0.96 15.88
N GLU A 198 5.50 -0.61 17.13
CA GLU A 198 6.08 0.51 17.88
C GLU A 198 7.62 0.41 17.96
N ARG A 199 8.11 -0.76 18.35
CA ARG A 199 9.54 -0.98 18.44
C ARG A 199 10.19 -0.80 17.06
N LEU A 200 9.58 -1.34 16.00
CA LEU A 200 10.13 -1.19 14.65
C LEU A 200 10.18 0.28 14.26
N PHE A 201 9.08 0.99 14.57
CA PHE A 201 9.03 2.40 14.22
C PHE A 201 10.15 3.13 14.97
N GLN A 202 10.37 2.85 16.26
CA GLN A 202 11.43 3.53 17.02
C GLN A 202 12.83 3.30 16.46
N GLU A 203 13.09 2.09 15.93
CA GLU A 203 14.36 1.82 15.30
C GLU A 203 14.65 2.63 14.03
N LEU A 204 13.63 2.98 13.22
CA LEU A 204 13.83 3.88 12.08
C LEU A 204 13.91 5.37 12.42
N GLN A 205 13.91 5.79 13.68
CA GLN A 205 13.90 7.22 13.98
C GLN A 205 15.20 7.95 13.61
N PRO A 206 16.39 7.47 14.01
CA PRO A 206 17.63 8.05 13.50
C PRO A 206 17.61 8.37 12.00
N LEU A 207 17.28 7.38 11.19
CA LEU A 207 17.34 7.63 9.77
C LEU A 207 16.27 8.68 9.41
N TYR A 208 15.01 8.43 9.84
CA TYR A 208 13.96 9.40 9.51
C TYR A 208 14.32 10.83 9.99
N LEU A 209 14.62 11.00 11.28
CA LEU A 209 14.98 12.32 11.77
C LEU A 209 16.10 12.97 10.94
N ASN A 210 17.17 12.22 10.64
CA ASN A 210 18.26 12.77 9.84
C ASN A 210 17.81 13.18 8.43
N LEU A 211 17.02 12.32 7.76
CA LEU A 211 16.51 12.62 6.42
C LEU A 211 15.62 13.86 6.46
N HIS A 212 14.77 13.93 7.49
CA HIS A 212 13.86 15.06 7.64
C HIS A 212 14.63 16.36 7.84
N ALA A 213 15.71 16.33 8.61
CA ALA A 213 16.39 17.59 8.85
C ALA A 213 17.15 18.08 7.59
N TYR A 214 17.73 17.13 6.84
CA TYR A 214 18.49 17.52 5.66
C TYR A 214 17.55 18.06 4.57
N VAL A 215 16.39 17.37 4.39
CA VAL A 215 15.33 17.83 3.51
C VAL A 215 14.88 19.25 3.91
N ARG A 216 14.53 19.48 5.20
CA ARG A 216 14.08 20.79 5.67
C ARG A 216 15.09 21.90 5.30
N ARG A 217 16.39 21.57 5.46
CA ARG A 217 17.44 22.52 5.14
C ARG A 217 17.38 22.87 3.64
N ALA A 218 17.26 21.82 2.80
CA ALA A 218 17.21 22.05 1.36
C ALA A 218 15.95 22.85 1.00
N LEU A 219 14.81 22.61 1.70
CA LEU A 219 13.59 23.37 1.37
C LEU A 219 13.86 24.83 1.74
N HIS A 220 14.57 25.01 2.87
CA HIS A 220 14.82 26.37 3.35
C HIS A 220 15.55 27.14 2.25
N ARG A 221 16.50 26.46 1.61
CA ARG A 221 17.32 27.09 0.58
C ARG A 221 16.48 27.47 -0.64
N HIS A 222 15.53 26.61 -1.05
CA HIS A 222 14.71 26.82 -2.23
C HIS A 222 13.54 27.76 -1.92
N TYR A 223 12.81 27.52 -0.83
CA TYR A 223 11.56 28.24 -0.61
C TYR A 223 11.74 29.45 0.28
N GLY A 224 12.95 29.62 0.86
CA GLY A 224 13.21 30.83 1.63
C GLY A 224 13.01 30.71 3.16
N ALA A 225 13.86 31.46 3.88
CA ALA A 225 13.96 31.55 5.34
C ALA A 225 12.59 31.90 5.93
N GLN A 226 11.82 32.76 5.29
CA GLN A 226 10.56 33.07 5.92
C GLN A 226 9.53 31.95 5.82
N HIS A 227 9.72 30.95 4.96
CA HIS A 227 8.68 29.94 4.84
C HIS A 227 9.10 28.57 5.40
N ILE A 228 10.33 28.44 5.97
CA ILE A 228 10.81 27.17 6.54
C ILE A 228 11.41 27.43 7.91
N ASN A 229 10.78 26.90 8.94
CA ASN A 229 11.41 27.03 10.25
C ASN A 229 12.46 25.92 10.47
N LEU A 230 13.76 26.22 10.72
CA LEU A 230 14.80 25.20 10.64
C LEU A 230 14.75 24.30 11.87
N GLU A 231 13.87 24.65 12.84
CA GLU A 231 13.62 23.86 14.04
C GLU A 231 12.17 23.36 14.13
N GLY A 232 11.41 23.54 13.06
CA GLY A 232 10.00 23.20 13.21
C GLY A 232 9.53 22.14 12.20
N PRO A 233 8.21 21.86 12.16
CA PRO A 233 7.70 20.90 11.17
C PRO A 233 7.81 21.43 9.74
N ILE A 234 7.92 20.57 8.72
CA ILE A 234 7.93 21.00 7.32
C ILE A 234 6.50 21.22 6.81
N PRO A 235 6.18 22.28 6.02
CA PRO A 235 4.85 22.35 5.44
C PRO A 235 4.54 21.18 4.50
N ALA A 236 3.34 20.60 4.68
CA ALA A 236 2.90 19.32 4.10
C ALA A 236 2.85 19.30 2.57
N HIS A 237 2.89 20.48 1.91
CA HIS A 237 2.64 20.56 0.47
C HIS A 237 3.94 20.60 -0.33
N LEU A 238 5.09 20.48 0.34
CA LEU A 238 6.35 20.82 -0.34
C LEU A 238 7.21 19.59 -0.70
N LEU A 239 6.65 18.39 -0.58
CA LEU A 239 7.44 17.17 -0.65
C LEU A 239 7.27 16.41 -1.96
N GLY A 240 6.59 16.99 -2.97
CA GLY A 240 6.41 16.43 -4.32
C GLY A 240 5.26 15.39 -4.44
N ASN A 241 4.49 15.15 -3.35
CA ASN A 241 3.47 14.09 -3.30
C ASN A 241 2.27 14.69 -2.56
N MET A 242 1.02 14.35 -2.97
CA MET A 242 -0.20 14.90 -2.39
C MET A 242 -0.25 14.67 -0.88
N TRP A 243 0.24 13.52 -0.40
CA TRP A 243 0.09 13.20 1.01
C TRP A 243 1.44 13.34 1.73
N ALA A 244 2.42 13.91 1.02
CA ALA A 244 3.81 13.87 1.49
C ALA A 244 4.21 12.49 1.99
N GLN A 245 3.73 11.42 1.33
CA GLN A 245 3.96 10.10 1.89
C GLN A 245 5.26 9.56 1.28
N THR A 246 5.68 10.07 0.11
CA THR A 246 6.97 9.72 -0.48
C THR A 246 7.52 10.99 -1.08
N TRP A 247 8.84 11.18 -0.91
CA TRP A 247 9.45 12.45 -1.21
C TRP A 247 10.33 12.39 -2.45
N SER A 248 10.29 11.31 -3.25
CA SER A 248 11.29 11.23 -4.31
C SER A 248 11.09 12.29 -5.41
N ASN A 249 9.91 12.97 -5.50
CA ASN A 249 9.77 13.99 -6.53
C ASN A 249 10.56 15.25 -6.26
N ILE A 250 11.09 15.49 -5.06
CA ILE A 250 11.98 16.63 -4.80
C ILE A 250 13.47 16.23 -4.76
N TYR A 251 13.81 15.07 -5.33
CA TYR A 251 15.20 14.67 -5.43
C TYR A 251 16.09 15.78 -6.04
N ASP A 252 15.64 16.46 -7.09
CA ASP A 252 16.43 17.55 -7.67
C ASP A 252 16.72 18.71 -6.69
N LEU A 253 15.85 19.01 -5.70
CA LEU A 253 16.18 20.02 -4.70
C LEU A 253 17.13 19.49 -3.61
N VAL A 254 17.38 18.17 -3.50
CA VAL A 254 18.06 17.67 -2.31
C VAL A 254 19.29 16.84 -2.70
N VAL A 255 19.69 16.79 -3.98
CA VAL A 255 20.74 15.87 -4.44
C VAL A 255 21.98 16.00 -3.54
N PRO A 256 22.52 14.91 -2.92
CA PRO A 256 23.73 15.02 -2.09
C PRO A 256 24.92 15.47 -2.89
N PHE A 257 25.10 14.91 -4.08
CA PHE A 257 26.26 15.28 -4.88
C PHE A 257 25.82 15.77 -6.26
N PRO A 258 25.49 17.09 -6.45
CA PRO A 258 25.01 17.60 -7.73
C PRO A 258 26.07 17.45 -8.81
N SER A 259 27.33 17.32 -8.40
CA SER A 259 28.43 17.19 -9.32
C SER A 259 28.40 15.82 -10.02
N ALA A 260 27.73 14.82 -9.42
CA ALA A 260 27.63 13.49 -9.99
C ALA A 260 26.20 13.30 -10.51
N PRO A 261 25.91 13.79 -11.74
CA PRO A 261 24.51 13.97 -12.17
C PRO A 261 24.02 12.63 -12.71
N SER A 262 22.71 12.40 -12.76
CA SER A 262 22.30 11.21 -13.49
C SER A 262 21.01 11.44 -14.27
N MET A 263 20.75 10.53 -15.21
CA MET A 263 19.55 10.64 -16.03
C MET A 263 18.31 10.51 -15.16
N ASP A 264 17.25 11.17 -15.58
CA ASP A 264 15.98 10.89 -14.92
C ASP A 264 15.37 9.68 -15.63
N THR A 265 14.96 8.65 -14.84
CA THR A 265 14.46 7.44 -15.45
C THR A 265 13.27 7.79 -16.37
N THR A 266 12.33 8.57 -15.78
CA THR A 266 11.06 8.99 -16.40
C THR A 266 11.30 9.64 -17.75
N GLU A 267 12.22 10.60 -17.79
CA GLU A 267 12.59 11.28 -19.02
C GLU A 267 13.17 10.30 -20.03
N ALA A 268 13.96 9.32 -19.57
CA ALA A 268 14.61 8.35 -20.47
C ALA A 268 13.60 7.29 -20.96
N MET A 269 12.62 6.94 -20.10
CA MET A 269 11.57 5.98 -20.48
C MET A 269 10.75 6.55 -21.65
N LEU A 270 10.19 7.78 -21.45
CA LEU A 270 9.54 8.59 -22.49
C LEU A 270 10.46 8.62 -23.72
N LYS A 271 11.68 9.18 -23.55
CA LYS A 271 12.65 9.28 -24.62
C LYS A 271 12.79 7.97 -25.41
N GLN A 272 12.65 6.81 -24.77
CA GLN A 272 12.83 5.59 -25.53
C GLN A 272 11.52 4.89 -25.87
N GLY A 273 10.39 5.58 -25.75
CA GLY A 273 9.14 4.99 -26.23
C GLY A 273 8.64 3.79 -25.41
N TRP A 274 8.89 3.79 -24.11
CA TRP A 274 8.34 2.73 -23.26
C TRP A 274 6.81 2.86 -23.27
N THR A 275 6.07 1.74 -23.34
CA THR A 275 4.62 1.76 -23.18
C THR A 275 4.22 1.04 -21.88
N PRO A 276 2.99 1.23 -21.32
CA PRO A 276 2.52 0.46 -20.16
C PRO A 276 2.78 -1.04 -20.30
N ARG A 277 2.62 -1.53 -21.53
CA ARG A 277 2.66 -2.94 -21.79
C ARG A 277 4.09 -3.46 -21.62
N ARG A 278 5.06 -2.60 -21.90
CA ARG A 278 6.46 -3.00 -21.82
C ARG A 278 6.89 -3.10 -20.36
N MET A 279 6.35 -2.17 -19.54
CA MET A 279 6.60 -2.08 -18.12
C MET A 279 6.18 -3.39 -17.46
N PHE A 280 5.04 -3.94 -17.91
CA PHE A 280 4.44 -5.15 -17.38
C PHE A 280 5.21 -6.38 -17.86
N LYS A 281 5.56 -6.40 -19.14
CA LYS A 281 6.41 -7.44 -19.71
C LYS A 281 7.76 -7.48 -18.97
N GLU A 282 8.34 -6.31 -18.65
CA GLU A 282 9.60 -6.28 -17.86
C GLU A 282 9.43 -6.88 -16.46
N ALA A 283 8.29 -6.61 -15.78
CA ALA A 283 8.00 -7.21 -14.46
C ALA A 283 7.85 -8.71 -14.60
N ASP A 284 7.07 -9.14 -15.61
CA ASP A 284 6.87 -10.55 -15.84
C ASP A 284 8.23 -11.23 -16.09
N ASP A 285 9.14 -10.54 -16.80
CA ASP A 285 10.44 -11.15 -17.12
C ASP A 285 11.29 -11.34 -15.85
N PHE A 286 11.25 -10.35 -14.94
CA PHE A 286 11.92 -10.42 -13.64
C PHE A 286 11.37 -11.60 -12.83
N PHE A 287 10.03 -11.72 -12.73
CA PHE A 287 9.55 -12.91 -12.02
C PHE A 287 10.02 -14.24 -12.63
N THR A 288 9.88 -14.44 -13.95
CA THR A 288 10.29 -15.71 -14.52
C THR A 288 11.81 -15.86 -14.48
N SER A 289 12.60 -14.76 -14.37
CA SER A 289 14.05 -14.92 -14.28
C SER A 289 14.44 -15.65 -12.99
N LEU A 290 13.57 -15.47 -11.97
CA LEU A 290 13.73 -16.09 -10.65
C LEU A 290 13.24 -17.53 -10.57
N GLY A 291 12.69 -18.09 -11.67
CA GLY A 291 12.08 -19.39 -11.58
C GLY A 291 10.62 -19.30 -11.11
N LEU A 292 10.12 -18.08 -10.87
CA LEU A 292 8.74 -17.82 -10.48
C LEU A 292 7.82 -17.95 -11.71
N LEU A 293 6.50 -17.94 -11.46
CA LEU A 293 5.53 -18.32 -12.49
C LEU A 293 5.21 -17.18 -13.44
N PRO A 294 5.06 -17.45 -14.77
CA PRO A 294 4.68 -16.36 -15.69
C PRO A 294 3.17 -16.11 -15.53
N VAL A 295 2.71 -14.89 -15.82
CA VAL A 295 1.28 -14.64 -15.82
C VAL A 295 0.65 -15.34 -17.03
N PRO A 296 -0.56 -15.98 -16.91
CA PRO A 296 -1.18 -16.68 -18.04
C PRO A 296 -1.45 -15.83 -19.27
N PRO A 297 -1.55 -16.42 -20.50
N PRO A 297 -1.55 -16.42 -20.50
CA PRO A 297 -1.94 -15.66 -21.70
CA PRO A 297 -1.94 -15.66 -21.70
C PRO A 297 -3.21 -14.80 -21.53
C PRO A 297 -3.21 -14.80 -21.53
N GLU A 298 -4.15 -15.36 -20.72
CA GLU A 298 -5.43 -14.74 -20.36
C GLU A 298 -5.23 -13.41 -19.64
N PHE A 299 -4.15 -13.33 -18.83
CA PHE A 299 -3.82 -12.12 -18.09
C PHE A 299 -3.62 -10.96 -19.07
N TRP A 300 -2.95 -11.26 -20.20
CA TRP A 300 -2.52 -10.20 -21.11
C TRP A 300 -3.72 -9.68 -21.94
N GLN A 301 -4.66 -10.61 -22.24
CA GLN A 301 -5.88 -10.29 -22.95
C GLN A 301 -6.88 -9.52 -22.10
N LYS A 302 -6.97 -9.82 -20.79
CA LYS A 302 -8.10 -9.35 -19.99
C LYS A 302 -7.74 -8.17 -19.09
N SER A 303 -6.46 -8.00 -18.72
CA SER A 303 -6.14 -6.94 -17.79
C SER A 303 -6.39 -5.60 -18.46
N MET A 304 -6.42 -4.53 -17.66
CA MET A 304 -6.50 -3.19 -18.20
C MET A 304 -5.21 -2.48 -17.80
N LEU A 305 -4.30 -2.22 -18.77
CA LEU A 305 -2.98 -1.75 -18.36
C LEU A 305 -2.78 -0.23 -18.54
N GLU A 306 -3.72 0.45 -19.21
CA GLU A 306 -3.79 1.91 -19.20
C GLU A 306 -5.25 2.35 -19.19
N LYS A 307 -5.54 3.61 -18.83
CA LYS A 307 -6.85 4.17 -19.11
C LYS A 307 -7.39 3.70 -20.47
N PRO A 308 -8.66 3.23 -20.61
CA PRO A 308 -9.17 2.84 -21.94
C PRO A 308 -9.47 4.11 -22.73
N THR A 309 -9.64 3.92 -24.03
CA THR A 309 -9.53 5.04 -24.94
C THR A 309 -10.77 5.08 -25.84
N ASP A 310 -11.79 4.31 -25.45
CA ASP A 310 -13.04 4.17 -26.19
C ASP A 310 -14.17 4.90 -25.45
N GLY A 311 -13.83 5.97 -24.69
CA GLY A 311 -14.76 6.62 -23.77
C GLY A 311 -15.56 5.60 -22.92
N ARG A 312 -14.85 4.58 -22.40
CA ARG A 312 -15.35 3.76 -21.30
C ARG A 312 -14.78 4.31 -20.00
N GLU A 313 -15.64 4.59 -19.03
CA GLU A 313 -15.26 5.09 -17.70
C GLU A 313 -14.75 3.97 -16.77
N VAL A 314 -13.68 4.25 -16.00
CA VAL A 314 -12.92 3.25 -15.25
C VAL A 314 -12.40 3.88 -13.97
N VAL A 315 -12.21 3.07 -12.88
CA VAL A 315 -11.57 3.49 -11.62
C VAL A 315 -10.05 3.39 -11.82
N CYS A 316 -9.26 4.39 -11.32
CA CYS A 316 -7.87 4.53 -11.78
C CYS A 316 -6.80 3.84 -10.93
N HIS A 317 -6.83 4.08 -9.62
CA HIS A 317 -6.07 3.32 -8.63
C HIS A 317 -5.66 1.92 -9.12
N ALA A 318 -4.34 1.72 -9.12
CA ALA A 318 -3.72 0.43 -9.43
C ALA A 318 -4.26 -0.63 -8.46
N SER A 319 -4.69 -1.78 -9.00
CA SER A 319 -5.14 -2.88 -8.17
C SER A 319 -4.99 -4.20 -8.95
N ALA A 320 -4.77 -5.28 -8.17
CA ALA A 320 -4.56 -6.64 -8.67
C ALA A 320 -5.76 -7.48 -8.25
N TRP A 321 -6.18 -8.41 -9.09
CA TRP A 321 -7.48 -9.04 -8.99
C TRP A 321 -7.36 -10.56 -9.14
N ASP A 322 -7.84 -11.29 -8.15
CA ASP A 322 -8.01 -12.73 -8.20
C ASP A 322 -9.50 -13.03 -8.40
N PHE A 323 -9.79 -13.94 -9.32
CA PHE A 323 -11.17 -14.26 -9.71
C PHE A 323 -11.55 -15.63 -9.17
N TYR A 324 -10.68 -16.25 -8.36
CA TYR A 324 -11.07 -17.41 -7.58
C TYR A 324 -11.39 -18.60 -8.48
N ASN A 325 -10.82 -18.64 -9.67
CA ASN A 325 -11.01 -19.85 -10.46
C ASN A 325 -9.65 -20.48 -10.76
N GLY A 326 -8.56 -19.92 -10.23
CA GLY A 326 -7.23 -20.51 -10.36
C GLY A 326 -6.60 -20.31 -11.73
N LYS A 327 -7.17 -19.44 -12.58
CA LYS A 327 -6.65 -19.32 -13.94
C LYS A 327 -6.78 -17.88 -14.48
N ASP A 328 -7.73 -17.11 -13.94
CA ASP A 328 -7.99 -15.74 -14.35
C ASP A 328 -7.50 -14.73 -13.30
N PHE A 329 -6.43 -14.02 -13.63
CA PHE A 329 -5.85 -13.03 -12.72
C PHE A 329 -5.56 -11.76 -13.50
N ARG A 330 -5.77 -10.60 -12.88
CA ARG A 330 -5.78 -9.38 -13.67
C ARG A 330 -5.23 -8.20 -12.87
N ILE A 331 -4.71 -7.24 -13.62
CA ILE A 331 -4.39 -5.92 -13.10
C ILE A 331 -5.20 -4.86 -13.85
N LYS A 332 -5.58 -3.86 -13.07
CA LYS A 332 -6.23 -2.67 -13.54
C LYS A 332 -5.38 -1.51 -13.06
N GLN A 333 -4.74 -0.83 -14.01
CA GLN A 333 -3.96 0.32 -13.66
C GLN A 333 -4.03 1.34 -14.80
N CYS A 334 -4.27 2.59 -14.44
CA CYS A 334 -4.14 3.68 -15.39
C CYS A 334 -2.65 4.04 -15.46
N THR A 335 -1.83 3.18 -16.07
CA THR A 335 -0.37 3.25 -15.94
C THR A 335 0.07 4.44 -16.75
N THR A 336 0.69 5.44 -16.14
CA THR A 336 1.45 6.37 -16.96
C THR A 336 2.95 6.06 -16.88
N VAL A 337 3.66 6.32 -18.00
CA VAL A 337 5.02 5.89 -18.31
C VAL A 337 6.04 6.72 -17.51
N ASN A 338 6.44 6.24 -16.32
CA ASN A 338 7.51 6.79 -15.49
C ASN A 338 7.96 5.72 -14.48
N LEU A 339 8.98 6.03 -13.65
CA LEU A 339 9.59 5.08 -12.74
C LEU A 339 8.65 4.77 -11.57
N GLU A 340 8.00 5.79 -11.02
CA GLU A 340 7.02 5.56 -9.97
C GLU A 340 6.02 4.45 -10.32
N ASP A 341 5.47 4.49 -11.54
CA ASP A 341 4.54 3.49 -12.02
C ASP A 341 5.21 2.17 -12.41
N LEU A 342 6.50 2.24 -12.79
CA LEU A 342 7.21 1.00 -13.07
C LEU A 342 7.34 0.16 -11.79
N VAL A 343 7.58 0.85 -10.65
CA VAL A 343 7.63 0.24 -9.35
C VAL A 343 6.23 -0.33 -9.04
N VAL A 344 5.19 0.50 -9.18
CA VAL A 344 3.80 0.08 -8.95
C VAL A 344 3.45 -1.11 -9.84
N ALA A 345 3.91 -1.11 -11.10
CA ALA A 345 3.68 -2.29 -11.91
C ALA A 345 4.25 -3.56 -11.22
N HIS A 346 5.42 -3.42 -10.55
CA HIS A 346 6.11 -4.59 -9.97
C HIS A 346 5.31 -4.97 -8.71
N HIS A 347 4.97 -3.97 -7.92
CA HIS A 347 4.08 -4.16 -6.80
C HIS A 347 2.89 -5.03 -7.19
N GLU A 348 2.18 -4.62 -8.24
CA GLU A 348 0.92 -5.23 -8.63
C GLU A 348 1.22 -6.63 -9.14
N MET A 349 2.31 -6.84 -9.85
CA MET A 349 2.64 -8.14 -10.40
C MET A 349 3.02 -9.07 -9.25
N GLY A 350 3.56 -8.50 -8.18
CA GLY A 350 3.79 -9.22 -6.94
C GLY A 350 2.50 -9.84 -6.36
N HIS A 351 1.41 -9.04 -6.33
CA HIS A 351 0.11 -9.55 -5.90
C HIS A 351 -0.35 -10.68 -6.83
N ILE A 352 -0.18 -10.48 -8.14
CA ILE A 352 -0.61 -11.54 -9.05
C ILE A 352 0.20 -12.80 -8.77
N GLN A 353 1.49 -12.62 -8.43
CA GLN A 353 2.35 -13.80 -8.35
C GLN A 353 1.89 -14.61 -7.15
N TYR A 354 1.53 -13.90 -6.07
CA TYR A 354 1.09 -14.57 -4.86
C TYR A 354 -0.20 -15.36 -5.16
N PHE A 355 -1.13 -14.76 -5.88
CA PHE A 355 -2.41 -15.45 -6.15
C PHE A 355 -2.17 -16.74 -6.91
N MET A 356 -1.27 -16.67 -7.90
CA MET A 356 -0.90 -17.85 -8.67
C MET A 356 -0.20 -18.93 -7.81
N GLN A 357 0.70 -18.55 -6.89
CA GLN A 357 1.42 -19.50 -6.04
C GLN A 357 0.46 -20.26 -5.09
N TYR A 358 -0.57 -19.59 -4.55
CA TYR A 358 -1.45 -20.24 -3.56
C TYR A 358 -2.79 -20.73 -4.12
N LYS A 359 -2.87 -20.82 -5.45
CA LYS A 359 -4.14 -21.11 -6.15
C LYS A 359 -4.66 -22.53 -5.90
N ASP A 360 -3.84 -23.39 -5.32
CA ASP A 360 -4.37 -24.73 -5.09
C ASP A 360 -4.92 -24.94 -3.69
N LEU A 361 -4.69 -23.98 -2.80
CA LEU A 361 -5.19 -24.14 -1.45
C LEU A 361 -6.70 -24.00 -1.49
N PRO A 362 -7.43 -24.54 -0.51
CA PRO A 362 -8.80 -24.05 -0.24
C PRO A 362 -8.92 -22.52 -0.21
N VAL A 363 -10.03 -21.99 -0.77
CA VAL A 363 -10.19 -20.56 -0.93
C VAL A 363 -10.06 -19.85 0.42
N ALA A 364 -10.46 -20.43 1.56
CA ALA A 364 -10.39 -19.70 2.83
C ALA A 364 -8.94 -19.42 3.22
N LEU A 365 -8.01 -20.12 2.57
CA LEU A 365 -6.58 -20.01 2.85
C LEU A 365 -5.88 -19.26 1.71
N ARG A 366 -6.63 -18.89 0.66
CA ARG A 366 -6.05 -18.11 -0.43
C ARG A 366 -5.81 -16.65 -0.02
N GLU A 367 -4.88 -16.41 0.91
CA GLU A 367 -4.48 -15.09 1.36
C GLU A 367 -2.99 -15.10 1.63
N GLY A 368 -2.37 -13.95 1.89
CA GLY A 368 -0.93 -13.96 2.16
C GLY A 368 -0.66 -14.38 3.61
N ALA A 369 0.58 -14.69 3.93
CA ALA A 369 0.85 -15.10 5.31
C ALA A 369 0.28 -14.10 6.32
N ASN A 370 0.43 -12.82 5.99
CA ASN A 370 -0.31 -11.70 6.60
C ASN A 370 -0.44 -10.62 5.52
N PRO A 371 -1.29 -9.56 5.66
CA PRO A 371 -1.47 -8.58 4.59
C PRO A 371 -0.13 -7.95 4.23
N GLY A 372 0.80 -7.80 5.16
CA GLY A 372 2.10 -7.19 4.83
C GLY A 372 2.92 -8.01 3.82
N PHE A 373 2.85 -9.37 3.96
CA PHE A 373 3.55 -10.21 3.00
C PHE A 373 3.01 -9.99 1.59
N HIS A 374 1.70 -9.81 1.52
CA HIS A 374 1.10 -9.72 0.20
C HIS A 374 1.61 -8.42 -0.45
N GLU A 375 1.80 -7.38 0.38
CA GLU A 375 2.19 -6.07 -0.13
C GLU A 375 3.66 -6.09 -0.53
N ALA A 376 4.44 -6.98 0.09
CA ALA A 376 5.89 -6.86 0.03
C ALA A 376 6.49 -7.51 -1.24
N ILE A 377 5.83 -8.48 -1.88
CA ILE A 377 6.46 -9.37 -2.85
C ILE A 377 7.08 -8.61 -4.05
N GLY A 378 6.24 -7.81 -4.73
CA GLY A 378 6.60 -6.97 -5.86
C GLY A 378 7.67 -5.95 -5.48
N ASP A 379 7.55 -5.35 -4.30
CA ASP A 379 8.51 -4.32 -3.88
C ASP A 379 9.90 -4.91 -3.76
N VAL A 380 9.98 -6.17 -3.30
CA VAL A 380 11.24 -6.86 -3.16
C VAL A 380 11.95 -6.84 -4.54
N LEU A 381 11.23 -7.28 -5.59
CA LEU A 381 11.82 -7.41 -6.92
C LEU A 381 12.19 -6.02 -7.38
N ALA A 382 11.33 -5.04 -7.10
CA ALA A 382 11.57 -3.67 -7.53
C ALA A 382 12.80 -2.99 -6.85
N LEU A 383 13.17 -3.43 -5.63
CA LEU A 383 14.44 -3.02 -5.03
C LEU A 383 15.60 -3.32 -6.01
N SER A 384 15.57 -4.54 -6.60
CA SER A 384 16.60 -4.95 -7.53
C SER A 384 16.54 -4.14 -8.84
N VAL A 385 15.30 -3.79 -9.25
CA VAL A 385 15.03 -3.15 -10.53
C VAL A 385 15.61 -1.72 -10.48
N SER A 386 15.52 -1.09 -9.31
CA SER A 386 15.88 0.30 -9.10
C SER A 386 17.39 0.48 -9.01
N THR A 387 18.16 -0.60 -8.85
CA THR A 387 19.61 -0.35 -8.75
C THR A 387 20.13 0.29 -10.05
N PRO A 388 21.20 1.13 -9.91
CA PRO A 388 21.89 1.71 -11.06
C PRO A 388 22.28 0.66 -12.06
N LYS A 389 22.90 -0.42 -11.56
CA LYS A 389 23.24 -1.56 -12.39
C LYS A 389 22.05 -2.03 -13.28
N HIS A 390 20.89 -2.29 -12.63
CA HIS A 390 19.74 -2.84 -13.34
C HIS A 390 19.16 -1.78 -14.30
N LEU A 391 18.98 -0.53 -13.83
CA LEU A 391 18.51 0.57 -14.68
C LEU A 391 19.42 0.73 -15.92
N HIS A 392 20.74 0.67 -15.73
CA HIS A 392 21.62 0.79 -16.89
C HIS A 392 21.37 -0.34 -17.87
N SER A 393 21.03 -1.52 -17.35
CA SER A 393 20.80 -2.65 -18.23
C SER A 393 19.47 -2.54 -18.99
N LEU A 394 18.50 -1.77 -18.49
CA LEU A 394 17.29 -1.44 -19.23
C LEU A 394 17.49 -0.23 -20.15
N ASN A 395 18.73 0.28 -20.18
CA ASN A 395 19.06 1.45 -20.97
C ASN A 395 18.34 2.70 -20.46
N LEU A 396 18.33 2.93 -19.14
CA LEU A 396 17.63 4.07 -18.56
C LEU A 396 18.61 4.89 -17.73
N LEU A 397 19.91 4.58 -17.75
CA LEU A 397 20.90 5.27 -16.93
C LEU A 397 22.19 5.11 -17.69
N SER A 398 23.12 6.09 -17.62
CA SER A 398 24.41 6.05 -18.35
C SER A 398 25.33 4.91 -17.90
N SER A 399 25.29 4.61 -16.61
CA SER A 399 25.99 3.51 -15.98
C SER A 399 25.68 3.56 -14.47
N GLY A 402 30.11 3.35 -10.61
CA GLY A 402 31.43 3.80 -10.13
C GLY A 402 31.38 4.41 -8.71
N SER A 403 31.26 5.74 -8.63
CA SER A 403 31.70 6.52 -7.49
C SER A 403 30.84 6.33 -6.23
N ASP A 404 31.47 6.63 -5.09
CA ASP A 404 30.79 6.96 -3.83
C ASP A 404 29.67 8.00 -4.00
N GLU A 405 29.96 9.04 -4.79
CA GLU A 405 29.03 10.13 -5.01
C GLU A 405 27.75 9.59 -5.64
N HIS A 406 27.86 8.71 -6.67
CA HIS A 406 26.66 8.19 -7.32
C HIS A 406 25.97 7.25 -6.34
N ASP A 407 26.78 6.66 -5.47
CA ASP A 407 26.26 5.74 -4.50
C ASP A 407 25.31 6.42 -3.51
N ILE A 408 25.77 7.54 -2.91
CA ILE A 408 25.06 8.26 -1.85
C ILE A 408 23.85 8.87 -2.49
N ASN A 409 24.02 9.25 -3.77
CA ASN A 409 22.95 9.84 -4.57
C ASN A 409 21.83 8.80 -4.77
N PHE A 410 22.17 7.54 -5.09
CA PHE A 410 21.17 6.49 -5.27
C PHE A 410 20.45 6.20 -3.96
N LEU A 411 21.19 6.10 -2.86
CA LEU A 411 20.67 5.85 -1.51
C LEU A 411 19.68 6.94 -1.10
N MET A 412 20.01 8.20 -1.42
CA MET A 412 19.12 9.31 -1.13
C MET A 412 17.83 9.13 -1.92
N LYS A 413 17.94 8.76 -3.21
CA LYS A 413 16.74 8.57 -4.03
C LYS A 413 15.84 7.51 -3.39
N MET A 414 16.45 6.41 -2.94
CA MET A 414 15.72 5.30 -2.32
C MET A 414 15.11 5.71 -0.99
N ALA A 415 15.85 6.45 -0.18
CA ALA A 415 15.42 7.02 1.11
C ALA A 415 14.16 7.87 0.96
N LEU A 416 14.08 8.69 -0.10
CA LEU A 416 12.95 9.61 -0.21
C LEU A 416 11.64 8.82 -0.44
N ASP A 417 11.75 7.61 -1.01
CA ASP A 417 10.63 6.72 -1.25
C ASP A 417 10.43 5.80 -0.06
N LYS A 418 11.49 5.21 0.53
CA LYS A 418 11.33 4.14 1.49
C LYS A 418 11.28 4.61 2.93
N ILE A 419 12.20 5.48 3.35
CA ILE A 419 12.29 5.95 4.74
C ILE A 419 11.17 6.95 4.98
N ALA A 420 10.97 7.93 4.06
CA ALA A 420 9.95 8.94 4.28
C ALA A 420 8.59 8.28 4.50
N PHE A 421 8.35 7.14 3.83
CA PHE A 421 7.02 6.53 3.90
C PHE A 421 6.78 5.84 5.25
N ILE A 422 7.86 5.61 6.04
CA ILE A 422 7.72 4.83 7.26
C ILE A 422 6.74 5.51 8.21
N PRO A 423 6.90 6.83 8.58
CA PRO A 423 5.99 7.40 9.55
C PRO A 423 4.60 7.55 8.95
N PHE A 424 4.52 7.89 7.66
CA PHE A 424 3.20 8.00 7.06
C PHE A 424 2.45 6.64 7.12
N SER A 425 3.12 5.55 6.73
CA SER A 425 2.42 4.27 6.69
C SER A 425 2.04 3.83 8.10
N TYR A 426 2.79 4.35 9.08
CA TYR A 426 2.55 3.99 10.45
C TYR A 426 1.32 4.70 11.04
N LEU A 427 1.17 6.01 10.75
CA LEU A 427 0.15 6.84 11.41
C LEU A 427 -1.26 6.58 10.90
N VAL A 428 -1.43 6.13 9.64
CA VAL A 428 -2.76 6.10 9.04
C VAL A 428 -3.70 5.30 9.96
N ASP A 429 -3.27 4.11 10.34
CA ASP A 429 -4.15 3.23 11.09
C ASP A 429 -4.00 3.50 12.59
N GLN A 430 -2.92 4.16 13.06
CA GLN A 430 -3.03 4.66 14.42
C GLN A 430 -4.27 5.53 14.55
N TRP A 431 -4.46 6.45 13.58
CA TRP A 431 -5.66 7.28 13.58
C TRP A 431 -6.93 6.44 13.52
N ARG A 432 -7.05 5.51 12.55
CA ARG A 432 -8.32 4.78 12.37
C ARG A 432 -8.58 3.81 13.54
N TRP A 433 -7.50 3.22 14.12
CA TRP A 433 -7.72 2.37 15.30
C TRP A 433 -8.40 3.14 16.42
N ARG A 434 -8.07 4.45 16.49
CA ARG A 434 -8.62 5.26 17.60
C ARG A 434 -10.00 5.79 17.23
N VAL A 435 -10.26 5.94 15.92
CA VAL A 435 -11.63 6.30 15.53
C VAL A 435 -12.50 5.09 15.82
N PHE A 436 -12.03 3.93 15.38
CA PHE A 436 -12.93 2.77 15.54
C PHE A 436 -13.20 2.44 17.02
N ASP A 437 -12.15 2.56 17.87
CA ASP A 437 -12.41 2.29 19.29
C ASP A 437 -13.06 3.46 19.99
N GLY A 438 -13.34 4.58 19.29
CA GLY A 438 -14.21 5.56 19.88
C GLY A 438 -13.46 6.69 20.59
N SER A 439 -12.14 6.53 20.76
N SER A 439 -12.13 6.61 20.75
CA SER A 439 -11.23 7.53 21.30
CA SER A 439 -11.35 7.66 21.40
C SER A 439 -11.31 8.87 20.56
C SER A 439 -11.10 8.91 20.53
N ILE A 440 -11.35 8.85 19.22
CA ILE A 440 -11.51 10.03 18.38
C ILE A 440 -12.96 10.08 17.92
N THR A 441 -13.66 11.20 18.10
CA THR A 441 -15.04 11.35 17.62
C THR A 441 -15.04 12.29 16.42
N LYS A 442 -16.22 12.47 15.78
CA LYS A 442 -16.31 13.34 14.60
C LYS A 442 -16.02 14.79 14.96
N GLU A 443 -16.11 15.13 16.25
CA GLU A 443 -15.72 16.44 16.72
C GLU A 443 -14.22 16.60 16.56
N ASN A 444 -13.40 15.55 16.63
CA ASN A 444 -11.99 15.83 16.48
C ASN A 444 -11.26 14.90 15.51
N TYR A 445 -11.99 14.34 14.53
CA TYR A 445 -11.25 13.61 13.51
C TYR A 445 -9.97 14.34 13.04
N ASN A 446 -10.14 15.62 12.62
CA ASN A 446 -9.16 16.31 11.82
C ASN A 446 -7.97 16.69 12.71
N GLN A 447 -8.31 17.25 13.91
CA GLN A 447 -7.29 17.72 14.84
C GLN A 447 -6.39 16.54 15.22
N GLU A 448 -7.05 15.40 15.42
N GLU A 448 -7.02 15.37 15.39
CA GLU A 448 -6.33 14.17 15.78
CA GLU A 448 -6.27 14.18 15.79
C GLU A 448 -5.44 13.66 14.63
C GLU A 448 -5.42 13.63 14.62
N TRP A 449 -5.91 13.76 13.38
CA TRP A 449 -5.06 13.47 12.23
C TRP A 449 -3.83 14.36 12.23
N TRP A 450 -4.00 15.69 12.34
CA TRP A 450 -2.88 16.63 12.37
C TRP A 450 -1.91 16.38 13.52
N SER A 451 -2.44 15.99 14.68
N SER A 451 -2.47 16.02 14.67
N SER A 451 -2.45 15.97 14.68
CA SER A 451 -1.59 15.65 15.80
CA SER A 451 -1.62 15.63 15.78
CA SER A 451 -1.62 15.63 15.82
C SER A 451 -0.63 14.49 15.48
C SER A 451 -0.59 14.59 15.33
C SER A 451 -0.63 14.52 15.47
N LEU A 452 -1.07 13.58 14.60
CA LEU A 452 -0.28 12.42 14.27
C LEU A 452 0.65 12.79 13.12
N ARG A 453 0.15 13.62 12.19
CA ARG A 453 0.99 14.13 11.12
C ARG A 453 2.22 14.83 11.73
N LEU A 454 1.99 15.61 12.79
CA LEU A 454 3.07 16.34 13.45
C LEU A 454 3.95 15.34 14.22
N LYS A 455 3.33 14.52 15.04
CA LYS A 455 4.10 13.67 15.93
C LYS A 455 4.99 12.66 15.16
N TYR A 456 4.41 12.00 14.15
CA TYR A 456 5.14 10.98 13.43
C TYR A 456 5.93 11.55 12.25
N GLN A 457 5.29 12.37 11.37
CA GLN A 457 6.02 12.82 10.17
C GLN A 457 6.75 14.15 10.41
N GLY A 458 6.41 14.92 11.44
CA GLY A 458 7.07 16.22 11.53
C GLY A 458 6.52 17.19 10.46
N LEU A 459 5.22 17.08 10.14
CA LEU A 459 4.70 17.99 9.12
C LEU A 459 3.69 18.94 9.72
N CYS A 460 3.45 20.07 9.05
CA CYS A 460 2.35 20.95 9.44
C CYS A 460 1.54 21.25 8.18
N PRO A 461 0.27 21.65 8.41
CA PRO A 461 -0.63 22.06 7.32
C PRO A 461 -0.20 23.45 6.85
N PRO A 462 0.00 23.71 5.52
CA PRO A 462 0.36 25.04 5.06
C PRO A 462 -0.76 26.04 5.35
N VAL A 463 -2.00 25.56 5.48
CA VAL A 463 -3.14 26.39 5.77
C VAL A 463 -3.87 25.88 7.02
N PRO A 464 -4.30 26.78 7.94
CA PRO A 464 -5.04 26.38 9.13
C PRO A 464 -6.25 25.58 8.66
N ARG A 465 -6.53 24.48 9.34
CA ARG A 465 -7.67 23.67 9.00
C ARG A 465 -8.84 24.22 9.81
N THR A 466 -10.05 23.98 9.34
CA THR A 466 -11.16 24.57 10.03
C THR A 466 -12.19 23.45 10.24
N GLN A 467 -13.18 23.68 11.10
CA GLN A 467 -14.22 22.67 11.25
C GLN A 467 -14.86 22.40 9.88
N GLY A 468 -15.18 21.13 9.61
CA GLY A 468 -15.71 20.78 8.31
C GLY A 468 -14.56 20.21 7.44
N ASP A 469 -13.30 20.51 7.77
CA ASP A 469 -12.24 19.81 7.06
C ASP A 469 -12.22 18.35 7.48
N PHE A 470 -11.79 17.46 6.58
CA PHE A 470 -11.69 16.05 6.89
C PHE A 470 -10.60 15.53 5.99
N ASP A 471 -9.38 15.96 6.33
CA ASP A 471 -8.21 15.66 5.53
C ASP A 471 -8.01 14.16 5.29
N PRO A 472 -8.29 13.26 6.27
CA PRO A 472 -8.13 11.84 6.02
C PRO A 472 -8.91 11.41 4.80
N GLY A 473 -10.10 11.95 4.59
CA GLY A 473 -10.93 11.52 3.48
C GLY A 473 -10.28 11.87 2.13
N ALA A 474 -9.21 12.68 2.19
CA ALA A 474 -8.49 13.02 0.98
C ALA A 474 -7.41 11.99 0.64
N LYS A 475 -7.29 10.89 1.39
CA LYS A 475 -6.38 9.83 1.00
C LYS A 475 -7.22 8.60 0.57
N PHE A 476 -6.91 7.97 -0.57
CA PHE A 476 -7.80 6.92 -1.18
C PHE A 476 -8.29 5.84 -0.18
N HIS A 477 -7.35 5.27 0.60
CA HIS A 477 -7.59 4.12 1.48
C HIS A 477 -8.65 4.39 2.58
N ILE A 478 -8.83 5.66 2.97
CA ILE A 478 -9.83 6.02 3.99
C ILE A 478 -11.24 5.84 3.42
N PRO A 479 -11.70 6.53 2.35
CA PRO A 479 -13.06 6.28 1.84
C PRO A 479 -13.21 4.85 1.29
N SER A 480 -12.10 4.25 0.88
CA SER A 480 -12.17 2.91 0.32
C SER A 480 -12.12 1.84 1.41
N SER A 481 -11.79 2.20 2.67
CA SER A 481 -11.87 1.24 3.75
C SER A 481 -10.87 0.11 3.45
N VAL A 482 -9.68 0.51 3.03
CA VAL A 482 -8.61 -0.45 2.80
C VAL A 482 -7.64 -0.26 3.95
N PRO A 483 -7.38 -1.32 4.78
CA PRO A 483 -6.45 -1.21 5.91
C PRO A 483 -5.07 -0.75 5.44
N TYR A 484 -4.35 -0.04 6.30
CA TYR A 484 -3.12 0.58 5.83
C TYR A 484 -1.88 0.04 6.55
N ILE A 485 -2.01 -0.57 7.75
CA ILE A 485 -0.77 -0.97 8.45
C ILE A 485 0.03 -2.01 7.62
N ARG A 486 -0.63 -2.73 6.69
CA ARG A 486 0.07 -3.69 5.82
C ARG A 486 1.27 -3.03 5.10
N TYR A 487 1.16 -1.71 4.86
CA TYR A 487 2.13 -0.98 4.06
C TYR A 487 3.34 -0.67 4.93
N PHE A 488 3.13 -0.45 6.22
CA PHE A 488 4.26 -0.20 7.14
C PHE A 488 5.04 -1.51 7.34
N VAL A 489 4.28 -2.61 7.52
CA VAL A 489 4.82 -3.95 7.67
C VAL A 489 5.59 -4.29 6.40
N SER A 490 4.92 -4.16 5.24
CA SER A 490 5.57 -4.41 3.95
C SER A 490 6.97 -3.74 3.87
N PHE A 491 7.04 -2.46 4.22
CA PHE A 491 8.28 -1.70 4.01
C PHE A 491 9.40 -2.20 4.92
N ILE A 492 9.09 -2.62 6.16
CA ILE A 492 10.08 -3.27 7.05
C ILE A 492 10.54 -4.62 6.46
N ILE A 493 9.58 -5.50 6.23
CA ILE A 493 9.93 -6.87 5.91
C ILE A 493 10.45 -6.97 4.47
N GLN A 494 10.13 -6.00 3.57
CA GLN A 494 10.72 -6.07 2.23
C GLN A 494 12.25 -6.07 2.27
N PHE A 495 12.89 -5.26 3.15
CA PHE A 495 14.34 -5.19 3.22
C PHE A 495 14.85 -6.52 3.85
N GLN A 496 14.10 -7.06 4.82
CA GLN A 496 14.49 -8.38 5.33
C GLN A 496 14.52 -9.46 4.22
N PHE A 497 13.50 -9.47 3.35
CA PHE A 497 13.43 -10.44 2.28
C PHE A 497 14.53 -10.18 1.25
N HIS A 498 14.74 -8.92 0.87
CA HIS A 498 15.85 -8.54 0.01
C HIS A 498 17.19 -8.99 0.59
N GLU A 499 17.43 -8.77 1.88
CA GLU A 499 18.69 -9.28 2.48
C GLU A 499 18.78 -10.79 2.38
N ALA A 500 17.66 -11.50 2.65
CA ALA A 500 17.76 -12.96 2.63
C ALA A 500 17.96 -13.48 1.22
N LEU A 501 17.25 -12.92 0.23
CA LEU A 501 17.36 -13.40 -1.15
C LEU A 501 18.72 -13.09 -1.74
N CYS A 502 19.32 -11.97 -1.33
CA CYS A 502 20.65 -11.51 -1.76
C CYS A 502 21.73 -12.45 -1.25
N GLN A 503 21.59 -12.85 0.02
CA GLN A 503 22.40 -13.93 0.57
C GLN A 503 22.10 -15.24 -0.19
N ALA A 504 20.82 -15.56 -0.39
CA ALA A 504 20.51 -16.76 -1.13
C ALA A 504 21.26 -16.81 -2.47
N ALA A 505 21.51 -15.64 -3.05
CA ALA A 505 22.03 -15.57 -4.40
C ALA A 505 23.56 -15.44 -4.45
N GLY A 506 24.26 -15.52 -3.28
CA GLY A 506 25.70 -15.30 -3.20
C GLY A 506 26.20 -13.84 -3.22
N HIS A 507 25.33 -12.83 -3.06
CA HIS A 507 25.80 -11.46 -3.24
C HIS A 507 26.73 -11.15 -2.08
N THR A 508 27.80 -10.40 -2.30
CA THR A 508 28.55 -10.00 -1.12
C THR A 508 28.82 -8.51 -1.21
N GLY A 509 29.26 -7.94 -0.09
CA GLY A 509 29.40 -6.49 -0.01
C GLY A 509 28.06 -5.80 0.34
N PRO A 510 27.99 -4.46 0.20
CA PRO A 510 26.85 -3.72 0.74
C PRO A 510 25.55 -4.20 0.10
N LEU A 511 24.52 -4.36 0.95
CA LEU A 511 23.22 -4.85 0.52
C LEU A 511 22.58 -4.02 -0.60
N HIS A 512 22.84 -2.70 -0.60
CA HIS A 512 22.12 -1.83 -1.55
C HIS A 512 22.66 -1.99 -2.97
N LYS A 513 23.78 -2.68 -3.16
CA LYS A 513 24.32 -2.97 -4.48
C LYS A 513 23.78 -4.28 -5.03
N CYS A 514 22.91 -4.94 -4.27
CA CYS A 514 22.49 -6.28 -4.65
C CYS A 514 21.42 -6.19 -5.73
N ASP A 515 21.53 -7.11 -6.69
CA ASP A 515 20.49 -7.27 -7.68
C ASP A 515 20.26 -8.75 -7.86
N ILE A 516 19.06 -9.22 -7.54
CA ILE A 516 18.83 -10.66 -7.54
C ILE A 516 18.36 -11.16 -8.90
N TYR A 517 18.46 -10.33 -9.97
CA TYR A 517 17.89 -10.74 -11.24
C TYR A 517 18.45 -12.09 -11.67
N GLN A 518 17.60 -13.06 -12.02
CA GLN A 518 17.96 -14.37 -12.54
C GLN A 518 18.33 -15.38 -11.44
N SER A 519 18.21 -15.04 -10.15
CA SER A 519 18.64 -15.95 -9.10
C SER A 519 17.55 -16.98 -8.77
N LYS A 520 17.85 -18.25 -9.06
CA LYS A 520 16.87 -19.30 -8.89
C LYS A 520 16.75 -19.65 -7.41
N GLU A 521 17.87 -19.56 -6.69
CA GLU A 521 17.89 -19.70 -5.24
C GLU A 521 16.96 -18.66 -4.61
N ALA A 522 17.10 -17.39 -5.02
CA ALA A 522 16.19 -16.37 -4.53
C ALA A 522 14.74 -16.69 -4.93
N GLY A 523 14.49 -17.22 -6.15
CA GLY A 523 13.09 -17.54 -6.44
C GLY A 523 12.54 -18.60 -5.46
N GLN A 524 13.30 -19.67 -5.29
CA GLN A 524 12.92 -20.79 -4.44
C GLN A 524 12.53 -20.32 -3.02
N ARG A 525 13.26 -19.38 -2.41
CA ARG A 525 12.83 -18.88 -1.11
C ARG A 525 11.43 -18.30 -1.16
N LEU A 526 11.13 -17.45 -2.16
CA LEU A 526 9.84 -16.79 -2.14
C LEU A 526 8.70 -17.78 -2.43
N ALA A 527 8.95 -18.71 -3.34
CA ALA A 527 7.92 -19.64 -3.83
C ALA A 527 7.39 -20.49 -2.69
N THR A 528 8.29 -21.10 -1.92
CA THR A 528 7.84 -22.06 -0.93
C THR A 528 7.02 -21.28 0.11
N ALA A 529 7.42 -20.02 0.44
CA ALA A 529 6.67 -19.25 1.41
C ALA A 529 5.30 -18.90 0.80
N MET A 530 5.31 -18.44 -0.45
CA MET A 530 4.09 -17.94 -1.06
C MET A 530 3.11 -19.11 -1.19
N LYS A 531 3.64 -20.29 -1.44
CA LYS A 531 2.81 -21.49 -1.55
C LYS A 531 1.98 -21.73 -0.30
N LEU A 532 2.45 -21.29 0.87
CA LEU A 532 1.74 -21.59 2.12
C LEU A 532 0.41 -20.84 2.20
N GLY A 533 0.22 -19.80 1.37
CA GLY A 533 -0.94 -18.97 1.55
C GLY A 533 -1.07 -18.56 3.02
N PHE A 534 -2.28 -18.73 3.55
CA PHE A 534 -2.63 -18.43 4.94
C PHE A 534 -2.77 -19.73 5.73
N SER A 535 -2.14 -20.82 5.26
CA SER A 535 -2.27 -22.14 5.90
C SER A 535 -1.48 -22.28 7.23
N ARG A 536 -0.53 -21.39 7.54
CA ARG A 536 0.27 -21.52 8.75
C ARG A 536 0.49 -20.15 9.39
N PRO A 537 0.80 -19.98 10.68
CA PRO A 537 1.09 -18.62 11.20
C PRO A 537 2.24 -17.97 10.42
N TRP A 538 2.20 -16.65 10.22
CA TRP A 538 3.15 -15.99 9.31
C TRP A 538 4.59 -16.20 9.72
N PRO A 539 4.95 -16.32 11.02
CA PRO A 539 6.37 -16.47 11.39
C PRO A 539 6.91 -17.66 10.62
N GLU A 540 6.06 -18.61 10.19
CA GLU A 540 6.60 -19.76 9.46
C GLU A 540 7.02 -19.34 8.05
N ALA A 541 6.18 -18.55 7.38
CA ALA A 541 6.61 -18.01 6.10
C ALA A 541 7.87 -17.15 6.30
N MET A 542 7.86 -16.28 7.31
CA MET A 542 9.07 -15.52 7.59
C MET A 542 10.34 -16.37 7.75
N GLN A 543 10.23 -17.51 8.47
N GLN A 543 10.23 -17.53 8.46
CA GLN A 543 11.32 -18.44 8.68
CA GLN A 543 11.35 -18.44 8.73
C GLN A 543 11.83 -19.06 7.39
C GLN A 543 11.82 -19.10 7.43
N LEU A 544 10.89 -19.50 6.54
CA LEU A 544 11.28 -20.01 5.21
C LEU A 544 12.12 -19.00 4.40
N ILE A 545 11.69 -17.74 4.38
CA ILE A 545 12.43 -16.76 3.59
C ILE A 545 13.75 -16.39 4.26
N THR A 546 13.76 -16.03 5.58
CA THR A 546 14.86 -15.29 6.16
C THR A 546 15.72 -16.17 7.09
N GLY A 547 15.26 -17.40 7.35
CA GLY A 547 15.99 -18.21 8.30
C GLY A 547 15.70 -17.90 9.76
N GLN A 548 14.87 -16.88 10.04
CA GLN A 548 14.44 -16.60 11.41
C GLN A 548 12.99 -16.11 11.38
N PRO A 549 12.25 -16.02 12.52
CA PRO A 549 10.80 -15.78 12.44
C PRO A 549 10.22 -14.43 12.87
N GLN A 550 11.07 -13.48 13.26
CA GLN A 550 10.59 -12.15 13.61
C GLN A 550 10.62 -11.10 12.48
N MET A 551 9.81 -10.06 12.67
CA MET A 551 9.97 -8.82 11.94
C MET A 551 11.16 -8.08 12.56
N SER A 552 11.98 -7.40 11.74
CA SER A 552 13.21 -6.76 12.20
C SER A 552 13.55 -5.62 11.24
N ALA A 553 13.85 -4.42 11.76
CA ALA A 553 14.34 -3.31 10.95
C ALA A 553 15.84 -3.44 10.61
N SER A 554 16.57 -4.45 11.12
CA SER A 554 18.00 -4.67 10.82
C SER A 554 18.33 -4.48 9.35
N ALA A 555 17.62 -5.21 8.49
CA ALA A 555 17.91 -5.22 7.07
C ALA A 555 17.71 -3.81 6.48
N MET A 556 16.59 -3.15 6.83
CA MET A 556 16.43 -1.79 6.32
C MET A 556 17.58 -0.87 6.80
N LEU A 557 17.97 -0.98 8.08
CA LEU A 557 19.04 -0.13 8.60
C LEU A 557 20.37 -0.39 7.88
N SER A 558 20.64 -1.68 7.62
N SER A 558 20.71 -1.69 7.67
CA SER A 558 21.88 -2.13 7.01
CA SER A 558 21.92 -2.03 6.96
C SER A 558 21.93 -1.61 5.56
C SER A 558 21.87 -1.37 5.60
N TYR A 559 20.80 -1.68 4.86
CA TYR A 559 20.66 -1.13 3.52
C TYR A 559 21.09 0.35 3.51
N PHE A 560 20.56 1.12 4.49
CA PHE A 560 20.66 2.57 4.45
C PHE A 560 21.89 3.10 5.23
N LYS A 561 22.65 2.19 5.84
CA LYS A 561 23.73 2.59 6.73
C LYS A 561 24.71 3.59 6.10
N PRO A 562 25.20 3.46 4.84
CA PRO A 562 26.08 4.49 4.31
C PRO A 562 25.37 5.83 4.23
N LEU A 563 24.06 5.84 4.08
CA LEU A 563 23.37 7.14 3.93
C LEU A 563 23.23 7.75 5.31
N LEU A 564 22.96 6.91 6.31
CA LEU A 564 22.83 7.41 7.68
C LEU A 564 24.13 8.14 8.09
N ASP A 565 25.29 7.55 7.77
CA ASP A 565 26.59 8.10 8.13
C ASP A 565 26.77 9.45 7.45
N TRP A 566 26.42 9.47 6.15
CA TRP A 566 26.58 10.67 5.34
C TRP A 566 25.69 11.81 5.90
N LEU A 567 24.43 11.48 6.23
CA LEU A 567 23.45 12.44 6.77
C LEU A 567 23.92 13.00 8.10
N ARG A 568 24.44 12.12 8.96
CA ARG A 568 24.94 12.55 10.26
C ARG A 568 26.05 13.56 10.13
N THR A 569 27.08 13.24 9.34
CA THR A 569 28.17 14.19 9.12
C THR A 569 27.64 15.52 8.53
N GLU A 570 26.79 15.42 7.50
CA GLU A 570 26.19 16.57 6.84
C GLU A 570 25.36 17.39 7.83
N ASN A 571 24.44 16.79 8.58
CA ASN A 571 23.56 17.58 9.44
C ASN A 571 24.35 18.20 10.59
N GLU A 572 25.38 17.48 11.05
CA GLU A 572 26.25 17.94 12.13
C GLU A 572 27.08 19.17 11.67
N LEU A 573 27.54 19.18 10.42
CA LEU A 573 28.37 20.27 9.89
C LEU A 573 27.61 21.58 9.87
N HIS A 574 26.28 21.49 9.65
CA HIS A 574 25.39 22.62 9.55
C HIS A 574 24.75 22.95 10.89
N GLY A 575 24.93 22.09 11.89
CA GLY A 575 24.26 22.28 13.17
C GLY A 575 22.77 21.96 13.19
N GLU A 576 22.30 21.02 12.36
CA GLU A 576 20.86 20.86 12.33
C GLU A 576 20.38 20.42 13.70
N LYS A 577 19.22 20.88 14.16
CA LYS A 577 18.62 20.28 15.35
C LYS A 577 17.59 19.28 14.88
N LEU A 578 17.76 17.98 15.23
CA LEU A 578 16.91 16.91 14.73
C LEU A 578 15.55 16.97 15.45
N GLY A 579 14.45 16.73 14.73
CA GLY A 579 13.13 16.85 15.31
C GLY A 579 12.55 18.24 15.07
N TRP A 580 11.47 18.54 15.74
CA TRP A 580 10.74 19.76 15.40
C TRP A 580 10.05 20.19 16.67
N PRO A 581 10.78 20.59 17.73
CA PRO A 581 10.13 21.04 18.96
C PRO A 581 9.27 22.28 18.69
N GLN A 582 9.55 23.03 17.62
CA GLN A 582 8.74 24.20 17.31
C GLN A 582 7.38 23.78 16.73
#